data_6QZ7
#
_entry.id   6QZ7
#
_cell.length_a   100.090
_cell.length_b   136.310
_cell.length_c   37.980
_cell.angle_alpha   90.000
_cell.angle_beta   90.000
_cell.angle_gamma   90.000
#
_symmetry.space_group_name_H-M   'P 21 21 2'
#
loop_
_entity.id
_entity.type
_entity.pdbx_description
1 polymer 'Maltose/maltodextrin-binding periplasmic protein,Induced myeloid leukemia cell differentiation protein Mcl-1'
2 branched alpha-D-glucopyranose-(1-4)-alpha-D-glucopyranose
3 non-polymer '(2~{R})-2-[[6-ethyl-5-(1~{H}-indol-4-yl)thieno[2,3-d]pyrimidin-4-yl]amino]-3-phenyl-propanoic acid'
4 non-polymer 'SODIUM ION'
5 water water
#
_entity_poly.entity_id   1
_entity_poly.type   'polypeptide(L)'
_entity_poly.pdbx_seq_one_letter_code
;MKIEEGKLVIWINGDKGYNGLAEVGKKFEKDTGIKVTVEHPDKLEEKFPQVAATGDGPDIIFWAHDRFGGYAQSGLLAEI
TPDKAFQDKLYPFTWDAVRYNGKLIAYPIAVEALSLIYNKDLLPNPPKTWEEIPALDKELKAKGKSALMFNLQEPYFTWP
LIAADGGYAFKYAAGKYDIKDVGVDNAGAKAGLTFLVDLIKNKHMNADTDYSIAEAAFNKGETAMTINGPWAWSNIDTSA
VNYGVTVLPTFKGQPSKPFVGVLSAGINAASPNKELAKEFLENYLLTDEGLEAVNKDKPLGAVALKSYEEELAKDPRIAA
TMENAQKGEIMPNIPQMSAFWYAVRTAVINAASGRQTVDEALKDAQTGSELYRQSLEIISRYLREQATGAADTAPMGASG
ATSRKALETLRRVGDGVQRNHETAFQGMLRKLDIKNEDDVKSLSRVMIHVFSDGVTNWGRIVTLISFGAFVAKHLKTINQ
ESCIEPLAESITDVLVRTKRDWLVKQRGWDGFVEFFHV
;
_entity_poly.pdbx_strand_id   A
#
loop_
_chem_comp.id
_chem_comp.type
_chem_comp.name
_chem_comp.formula
GLC D-saccharide, alpha linking alpha-D-glucopyranose 'C6 H12 O6'
JLE non-polymer '(2~{R})-2-[[6-ethyl-5-(1~{H}-indol-4-yl)thieno[2,3-d]pyrimidin-4-yl]amino]-3-phenyl-propanoic acid' 'C25 H22 N4 O2 S'
NA non-polymer 'SODIUM ION' 'Na 1'
#
# COMPACT_ATOMS: atom_id res chain seq x y z
N LYS A 2 -26.54 6.36 -4.87
CA LYS A 2 -25.61 7.27 -5.61
C LYS A 2 -24.96 6.53 -6.80
N ILE A 3 -24.48 5.27 -6.65
CA ILE A 3 -24.06 4.42 -7.81
C ILE A 3 -25.29 3.95 -8.60
N GLU A 4 -25.26 4.07 -9.94
CA GLU A 4 -26.37 3.79 -10.90
C GLU A 4 -26.58 2.28 -11.08
N GLU A 5 -27.82 1.83 -11.09
CA GLU A 5 -28.14 0.38 -11.17
C GLU A 5 -28.35 0.01 -12.64
N GLY A 6 -28.06 -1.24 -13.01
CA GLY A 6 -28.33 -1.80 -14.36
C GLY A 6 -27.24 -1.45 -15.37
N LYS A 7 -26.04 -1.15 -14.86
CA LYS A 7 -24.86 -0.60 -15.60
C LYS A 7 -23.64 -1.19 -14.85
N LEU A 8 -22.43 -1.27 -15.42
CA LEU A 8 -21.19 -1.56 -14.62
C LEU A 8 -20.17 -0.48 -14.91
N VAL A 9 -19.72 0.22 -13.89
CA VAL A 9 -18.52 1.11 -14.00
C VAL A 9 -17.30 0.41 -13.40
N ILE A 10 -16.22 0.31 -14.18
CA ILE A 10 -14.96 -0.35 -13.75
C ILE A 10 -13.83 0.67 -13.76
N TRP A 11 -12.99 0.66 -12.73
CA TRP A 11 -11.73 1.44 -12.65
C TRP A 11 -10.54 0.49 -12.75
N ILE A 12 -9.59 0.84 -13.60
CA ILE A 12 -8.31 0.10 -13.75
C ILE A 12 -7.23 1.13 -14.05
N ASN A 13 -6.01 0.86 -13.63
CA ASN A 13 -4.88 1.80 -13.71
C ASN A 13 -4.51 2.00 -15.20
N GLY A 14 -4.01 3.20 -15.52
CA GLY A 14 -3.76 3.66 -16.91
C GLY A 14 -2.59 2.97 -17.58
N ASP A 15 -1.85 2.13 -16.84
CA ASP A 15 -0.73 1.33 -17.39
C ASP A 15 -1.24 -0.05 -17.80
N LYS A 16 -2.49 -0.40 -17.51
CA LYS A 16 -3.01 -1.77 -17.78
C LYS A 16 -3.76 -1.76 -19.09
N GLY A 17 -4.22 -2.95 -19.52
CA GLY A 17 -4.90 -3.18 -20.81
C GLY A 17 -6.37 -2.81 -20.74
N TYR A 18 -6.70 -1.54 -20.52
CA TYR A 18 -8.10 -1.10 -20.31
C TYR A 18 -8.93 -1.17 -21.61
N ASN A 19 -8.30 -0.99 -22.78
CA ASN A 19 -8.99 -1.22 -24.09
C ASN A 19 -9.37 -2.70 -24.21
N GLY A 20 -8.46 -3.61 -23.87
CA GLY A 20 -8.78 -5.04 -23.85
C GLY A 20 -9.92 -5.32 -22.89
N LEU A 21 -9.92 -4.64 -21.73
CA LEU A 21 -10.94 -4.87 -20.69
C LEU A 21 -12.27 -4.42 -21.29
N ALA A 22 -12.27 -3.27 -21.99
CA ALA A 22 -13.47 -2.67 -22.62
C ALA A 22 -14.05 -3.65 -23.66
N GLU A 23 -13.21 -4.41 -24.37
CA GLU A 23 -13.74 -5.44 -25.32
C GLU A 23 -14.48 -6.50 -24.52
N VAL A 24 -13.97 -6.89 -23.35
CA VAL A 24 -14.70 -7.90 -22.54
C VAL A 24 -16.00 -7.25 -22.08
N GLY A 25 -15.96 -5.94 -21.77
CA GLY A 25 -17.16 -5.13 -21.49
C GLY A 25 -18.20 -5.26 -22.59
N LYS A 26 -17.80 -5.14 -23.86
CA LYS A 26 -18.75 -5.16 -25.01
C LYS A 26 -19.30 -6.57 -25.16
N LYS A 27 -18.48 -7.58 -24.89
CA LYS A 27 -18.92 -8.99 -24.99
C LYS A 27 -19.92 -9.27 -23.87
N PHE A 28 -19.79 -8.64 -22.70
CA PHE A 28 -20.81 -8.76 -21.62
C PHE A 28 -22.11 -8.04 -22.04
N GLU A 29 -21.99 -6.92 -22.74
CA GLU A 29 -23.13 -6.08 -23.20
C GLU A 29 -23.87 -6.83 -24.31
N LYS A 30 -23.15 -7.41 -25.29
CA LYS A 30 -23.77 -8.20 -26.40
C LYS A 30 -24.67 -9.30 -25.79
N ASP A 31 -24.23 -10.00 -24.76
CA ASP A 31 -24.94 -11.20 -24.24
C ASP A 31 -26.00 -10.81 -23.20
N THR A 32 -25.91 -9.65 -22.55
CA THR A 32 -26.79 -9.31 -21.40
C THR A 32 -27.54 -7.99 -21.59
N GLY A 33 -27.16 -7.17 -22.56
CA GLY A 33 -27.71 -5.82 -22.71
C GLY A 33 -27.30 -4.88 -21.59
N ILE A 34 -26.37 -5.30 -20.73
CA ILE A 34 -25.80 -4.42 -19.66
C ILE A 34 -24.56 -3.74 -20.24
N LYS A 35 -24.49 -2.41 -20.20
CA LYS A 35 -23.33 -1.65 -20.72
C LYS A 35 -22.24 -1.54 -19.65
N VAL A 36 -21.02 -1.89 -20.05
CA VAL A 36 -19.80 -1.79 -19.21
C VAL A 36 -18.97 -0.60 -19.68
N THR A 37 -18.73 0.32 -18.77
CA THR A 37 -17.84 1.48 -18.93
C THR A 37 -16.56 1.19 -18.15
N VAL A 38 -15.43 1.29 -18.84
CA VAL A 38 -14.07 1.14 -18.25
C VAL A 38 -13.44 2.51 -18.19
N GLU A 39 -13.00 2.94 -17.01
CA GLU A 39 -12.30 4.23 -16.85
C GLU A 39 -10.93 3.92 -16.23
N HIS A 40 -9.98 4.83 -16.43
CA HIS A 40 -8.61 4.77 -15.88
C HIS A 40 -8.23 6.09 -15.27
N PRO A 41 -8.93 6.52 -14.20
CA PRO A 41 -8.65 7.81 -13.58
C PRO A 41 -7.24 7.86 -12.98
N ASP A 42 -6.69 9.07 -12.91
CA ASP A 42 -5.41 9.35 -12.22
C ASP A 42 -5.63 9.12 -10.73
N LYS A 43 -4.63 8.59 -10.03
CA LYS A 43 -4.58 8.41 -8.57
C LYS A 43 -5.76 7.55 -8.10
N LEU A 44 -6.13 6.49 -8.82
CA LEU A 44 -7.42 5.81 -8.57
C LEU A 44 -7.39 5.09 -7.21
N GLU A 45 -6.20 4.66 -6.77
CA GLU A 45 -5.97 3.93 -5.49
C GLU A 45 -6.22 4.86 -4.29
N GLU A 46 -6.03 6.18 -4.49
CA GLU A 46 -6.30 7.25 -3.49
C GLU A 46 -7.78 7.64 -3.57
N LYS A 47 -8.36 7.67 -4.77
CA LYS A 47 -9.70 8.22 -5.04
C LYS A 47 -10.78 7.18 -4.73
N PHE A 48 -10.46 5.88 -4.79
CA PHE A 48 -11.43 4.81 -4.46
C PHE A 48 -11.91 4.94 -3.01
N PRO A 49 -11.03 4.88 -1.98
CA PRO A 49 -11.49 4.92 -0.60
C PRO A 49 -12.29 6.19 -0.29
N GLN A 50 -11.87 7.35 -0.82
CA GLN A 50 -12.55 8.67 -0.61
C GLN A 50 -14.01 8.56 -1.11
N VAL A 51 -14.24 8.14 -2.36
CA VAL A 51 -15.61 8.09 -2.96
C VAL A 51 -16.38 6.84 -2.48
N ALA A 52 -15.74 5.69 -2.37
CA ALA A 52 -16.48 4.48 -1.96
C ALA A 52 -17.03 4.73 -0.54
N ALA A 53 -16.34 5.52 0.28
CA ALA A 53 -16.69 5.74 1.71
C ALA A 53 -18.01 6.49 1.81
N THR A 54 -18.43 7.21 0.75
CA THR A 54 -19.71 7.97 0.69
C THR A 54 -20.75 7.19 -0.10
N GLY A 55 -20.52 5.90 -0.38
CA GLY A 55 -21.45 5.07 -1.20
C GLY A 55 -21.33 5.36 -2.70
N ASP A 56 -20.25 6.01 -3.14
CA ASP A 56 -20.08 6.36 -4.57
C ASP A 56 -18.97 5.50 -5.19
N GLY A 57 -18.55 5.89 -6.38
CA GLY A 57 -17.38 5.30 -7.08
C GLY A 57 -17.80 4.17 -8.00
N PRO A 58 -16.83 3.38 -8.50
CA PRO A 58 -17.10 2.35 -9.51
C PRO A 58 -17.71 1.10 -8.87
N ASP A 59 -18.31 0.25 -9.69
CA ASP A 59 -18.83 -1.08 -9.27
C ASP A 59 -17.64 -1.99 -8.97
N ILE A 60 -16.63 -1.96 -9.84
CA ILE A 60 -15.43 -2.82 -9.76
C ILE A 60 -14.20 -1.91 -9.74
N ILE A 61 -13.28 -2.22 -8.83
CA ILE A 61 -11.98 -1.53 -8.64
C ILE A 61 -10.88 -2.55 -8.88
N PHE A 62 -10.02 -2.31 -9.87
CA PHE A 62 -8.81 -3.10 -10.15
C PHE A 62 -7.62 -2.38 -9.53
N TRP A 63 -6.89 -3.11 -8.71
CA TRP A 63 -5.54 -2.71 -8.23
C TRP A 63 -4.78 -3.97 -7.79
N ALA A 64 -3.49 -3.84 -7.55
CA ALA A 64 -2.75 -4.89 -6.84
C ALA A 64 -3.38 -5.06 -5.45
N HIS A 65 -3.37 -6.30 -4.99
CA HIS A 65 -4.00 -6.79 -3.74
C HIS A 65 -3.54 -5.99 -2.53
N ASP A 66 -2.35 -5.41 -2.53
CA ASP A 66 -1.82 -4.72 -1.34
C ASP A 66 -2.81 -3.66 -0.84
N ARG A 67 -3.59 -3.00 -1.70
CA ARG A 67 -4.50 -1.93 -1.20
C ARG A 67 -5.86 -2.44 -0.70
N PHE A 68 -6.19 -3.73 -0.85
CA PHE A 68 -7.55 -4.30 -0.64
C PHE A 68 -7.88 -4.50 0.85
N GLY A 69 -6.92 -4.79 1.72
CA GLY A 69 -7.19 -4.95 3.17
C GLY A 69 -7.65 -3.65 3.78
N GLY A 70 -7.01 -2.54 3.40
CA GLY A 70 -7.44 -1.19 3.80
C GLY A 70 -8.90 -0.98 3.43
N TYR A 71 -9.23 -1.25 2.17
CA TYR A 71 -10.60 -1.05 1.63
C TYR A 71 -11.58 -1.95 2.42
N ALA A 72 -11.28 -3.23 2.58
CA ALA A 72 -12.12 -4.18 3.36
C ALA A 72 -12.26 -3.72 4.81
N GLN A 73 -11.16 -3.29 5.47
CA GLN A 73 -11.24 -2.81 6.88
C GLN A 73 -12.24 -1.66 6.93
N SER A 74 -12.31 -0.83 5.89
CA SER A 74 -13.12 0.40 5.90
C SER A 74 -14.55 0.10 5.43
N GLY A 75 -14.89 -1.17 5.19
CA GLY A 75 -16.22 -1.61 4.74
C GLY A 75 -16.55 -1.22 3.29
N LEU A 76 -15.54 -1.05 2.43
CA LEU A 76 -15.75 -0.56 1.03
C LEU A 76 -15.92 -1.72 0.04
N LEU A 77 -15.76 -2.95 0.48
CA LEU A 77 -15.74 -4.10 -0.47
C LEU A 77 -16.77 -5.12 -0.04
N ALA A 78 -17.42 -5.72 -1.02
CA ALA A 78 -18.29 -6.88 -0.86
C ALA A 78 -17.41 -8.10 -0.64
N GLU A 79 -17.74 -8.93 0.35
CA GLU A 79 -17.21 -10.32 0.41
C GLU A 79 -17.55 -10.99 -0.93
N ILE A 80 -16.64 -11.79 -1.48
CA ILE A 80 -16.94 -12.57 -2.71
C ILE A 80 -16.91 -14.05 -2.33
N THR A 81 -17.84 -14.80 -2.89
CA THR A 81 -18.21 -16.17 -2.45
C THR A 81 -18.37 -17.02 -3.71
N PRO A 82 -17.27 -17.19 -4.47
CA PRO A 82 -17.33 -18.10 -5.62
C PRO A 82 -17.49 -19.52 -5.06
N ASP A 83 -18.14 -20.39 -5.80
CA ASP A 83 -18.29 -21.82 -5.44
C ASP A 83 -16.91 -22.48 -5.58
N LYS A 84 -16.78 -23.71 -5.09
CA LYS A 84 -15.50 -24.46 -5.10
C LYS A 84 -15.09 -24.72 -6.56
N ALA A 85 -16.02 -24.94 -7.48
CA ALA A 85 -15.68 -25.26 -8.89
C ALA A 85 -14.99 -24.05 -9.53
N PHE A 86 -15.41 -22.82 -9.21
CA PHE A 86 -14.72 -21.60 -9.68
C PHE A 86 -13.40 -21.39 -8.92
N GLN A 87 -13.36 -21.55 -7.60
CA GLN A 87 -12.11 -21.40 -6.81
C GLN A 87 -11.00 -22.26 -7.41
N ASP A 88 -11.30 -23.51 -7.74
CA ASP A 88 -10.34 -24.50 -8.30
C ASP A 88 -9.82 -24.08 -9.68
N LYS A 89 -10.40 -23.08 -10.33
CA LYS A 89 -9.91 -22.67 -11.67
C LYS A 89 -8.70 -21.73 -11.51
N LEU A 90 -8.46 -21.15 -10.33
CA LEU A 90 -7.32 -20.20 -10.12
C LEU A 90 -6.37 -20.78 -9.08
N TYR A 91 -5.08 -20.47 -9.22
CA TYR A 91 -4.03 -20.96 -8.28
C TYR A 91 -4.35 -20.52 -6.87
N PRO A 92 -4.28 -21.43 -5.87
CA PRO A 92 -4.53 -21.08 -4.48
C PRO A 92 -3.74 -19.88 -3.92
N PHE A 93 -2.46 -19.76 -4.21
CA PHE A 93 -1.66 -18.64 -3.65
C PHE A 93 -2.22 -17.30 -4.17
N THR A 94 -2.91 -17.27 -5.33
CA THR A 94 -3.56 -16.04 -5.82
C THR A 94 -4.76 -15.74 -4.93
N TRP A 95 -5.51 -16.75 -4.49
CA TRP A 95 -6.64 -16.55 -3.55
C TRP A 95 -6.10 -16.07 -2.20
N ASP A 96 -4.94 -16.56 -1.78
CA ASP A 96 -4.36 -16.18 -0.46
C ASP A 96 -4.13 -14.66 -0.44
N ALA A 97 -3.71 -14.11 -1.57
CA ALA A 97 -3.35 -12.68 -1.71
C ALA A 97 -4.58 -11.81 -1.46
N VAL A 98 -5.79 -12.31 -1.81
CA VAL A 98 -7.06 -11.55 -1.68
C VAL A 98 -7.90 -12.07 -0.50
N ARG A 99 -7.29 -12.80 0.44
CA ARG A 99 -7.98 -13.25 1.66
C ARG A 99 -7.59 -12.32 2.82
N TYR A 100 -8.58 -11.71 3.44
CA TYR A 100 -8.43 -10.75 4.55
C TYR A 100 -9.40 -11.12 5.67
N ASN A 101 -8.87 -11.39 6.87
CA ASN A 101 -9.64 -11.84 8.06
C ASN A 101 -10.50 -13.05 7.67
N GLY A 102 -9.94 -13.98 6.90
CA GLY A 102 -10.57 -15.25 6.49
C GLY A 102 -11.63 -15.09 5.42
N LYS A 103 -11.88 -13.89 4.88
CA LYS A 103 -12.86 -13.66 3.78
C LYS A 103 -12.13 -13.27 2.49
N LEU A 104 -12.59 -13.80 1.36
CA LEU A 104 -12.15 -13.35 0.02
C LEU A 104 -12.78 -11.96 -0.20
N ILE A 105 -11.94 -10.95 -0.43
CA ILE A 105 -12.37 -9.55 -0.64
C ILE A 105 -12.17 -9.13 -2.09
N ALA A 106 -11.71 -10.01 -2.97
CA ALA A 106 -11.54 -9.69 -4.39
C ALA A 106 -11.28 -10.95 -5.19
N TYR A 107 -11.34 -10.78 -6.50
CA TYR A 107 -10.94 -11.79 -7.50
C TYR A 107 -9.51 -11.52 -7.94
N PRO A 108 -8.61 -12.51 -7.79
CA PRO A 108 -7.26 -12.39 -8.34
C PRO A 108 -7.28 -12.55 -9.86
N ILE A 109 -6.46 -11.73 -10.52
CA ILE A 109 -6.34 -11.73 -12.00
C ILE A 109 -4.96 -12.19 -12.47
N ALA A 110 -3.87 -11.65 -11.93
CA ALA A 110 -2.52 -11.86 -12.51
C ALA A 110 -1.42 -11.49 -11.51
N VAL A 111 -0.32 -12.25 -11.58
CA VAL A 111 0.86 -12.09 -10.71
C VAL A 111 1.84 -11.20 -11.45
N GLU A 112 2.24 -10.12 -10.81
CA GLU A 112 3.08 -9.02 -11.35
C GLU A 112 4.35 -8.97 -10.53
N ALA A 113 5.50 -9.08 -11.18
CA ALA A 113 6.79 -8.77 -10.53
C ALA A 113 7.63 -7.98 -11.50
N LEU A 114 8.39 -7.02 -11.00
CA LEU A 114 9.38 -6.28 -11.82
C LEU A 114 10.47 -7.21 -12.31
N SER A 115 10.98 -6.95 -13.51
CA SER A 115 12.17 -7.61 -14.07
C SER A 115 13.12 -6.53 -14.60
N LEU A 116 14.35 -6.95 -14.89
CA LEU A 116 15.31 -6.12 -15.63
C LEU A 116 15.04 -6.32 -17.12
N ILE A 117 14.75 -5.23 -17.79
CA ILE A 117 14.50 -5.15 -19.25
C ILE A 117 15.71 -4.50 -19.86
N TYR A 118 16.30 -5.15 -20.87
CA TYR A 118 17.57 -4.66 -21.44
C TYR A 118 17.52 -4.74 -22.96
N ASN A 119 18.19 -3.77 -23.57
CA ASN A 119 18.38 -3.63 -25.02
C ASN A 119 19.49 -4.60 -25.43
N LYS A 120 19.13 -5.71 -26.07
CA LYS A 120 20.11 -6.72 -26.54
C LYS A 120 21.10 -6.14 -27.54
N ASP A 121 20.75 -5.10 -28.29
CA ASP A 121 21.67 -4.52 -29.31
C ASP A 121 22.77 -3.69 -28.60
N LEU A 122 22.50 -3.09 -27.43
CA LEU A 122 23.50 -2.26 -26.67
C LEU A 122 24.22 -3.08 -25.61
N LEU A 123 23.54 -4.08 -25.07
CA LEU A 123 23.97 -4.79 -23.86
C LEU A 123 23.63 -6.27 -24.03
N PRO A 124 24.41 -7.00 -24.88
CA PRO A 124 24.12 -8.40 -25.14
C PRO A 124 24.24 -9.27 -23.89
N ASN A 125 25.02 -8.85 -22.90
CA ASN A 125 25.06 -9.52 -21.58
C ASN A 125 24.73 -8.52 -20.49
N PRO A 126 23.49 -8.53 -19.98
CA PRO A 126 23.13 -7.56 -18.94
C PRO A 126 23.88 -7.85 -17.66
N PRO A 127 24.20 -6.84 -16.83
CA PRO A 127 24.92 -7.02 -15.56
C PRO A 127 24.20 -7.97 -14.61
N LYS A 128 24.97 -8.75 -13.85
CA LYS A 128 24.44 -9.68 -12.85
C LYS A 128 24.33 -8.93 -11.52
N THR A 129 25.07 -7.81 -11.38
CA THR A 129 25.21 -7.09 -10.09
C THR A 129 24.89 -5.60 -10.27
N TRP A 130 24.32 -5.00 -9.24
CA TRP A 130 24.11 -3.54 -9.20
C TRP A 130 25.48 -2.85 -9.25
N GLU A 131 26.46 -3.47 -8.58
CA GLU A 131 27.81 -2.91 -8.33
C GLU A 131 28.53 -2.60 -9.66
N GLU A 132 28.29 -3.38 -10.73
CA GLU A 132 28.95 -3.17 -12.04
C GLU A 132 28.25 -2.08 -12.87
N ILE A 133 27.11 -1.54 -12.43
CA ILE A 133 26.35 -0.58 -13.28
C ILE A 133 27.12 0.74 -13.43
N PRO A 134 27.76 1.33 -12.38
CA PRO A 134 28.56 2.54 -12.56
C PRO A 134 29.61 2.46 -13.69
N ALA A 135 30.34 1.36 -13.77
CA ALA A 135 31.43 1.12 -14.75
C ALA A 135 30.76 0.96 -16.12
N LEU A 136 29.67 0.21 -16.14
CA LEU A 136 28.88 -0.01 -17.37
C LEU A 136 28.36 1.33 -17.91
N ASP A 137 27.84 2.18 -17.04
CA ASP A 137 27.33 3.49 -17.46
C ASP A 137 28.48 4.31 -18.03
N LYS A 138 29.69 4.28 -17.46
CA LYS A 138 30.85 5.08 -17.94
C LYS A 138 31.17 4.66 -19.38
N GLU A 139 31.11 3.35 -19.62
CA GLU A 139 31.29 2.70 -20.94
C GLU A 139 30.21 3.16 -21.93
N LEU A 140 28.94 3.19 -21.55
CA LEU A 140 27.85 3.55 -22.47
C LEU A 140 27.85 5.05 -22.69
N LYS A 141 28.29 5.84 -21.71
CA LYS A 141 28.28 7.32 -21.85
C LYS A 141 29.28 7.71 -22.94
N ALA A 142 30.39 7.00 -23.07
CA ALA A 142 31.43 7.24 -24.09
C ALA A 142 30.82 7.03 -25.48
N LYS A 143 29.68 6.36 -25.59
CA LYS A 143 28.96 6.11 -26.88
C LYS A 143 27.66 6.90 -26.94
N GLY A 144 27.47 7.88 -26.07
CA GLY A 144 26.23 8.67 -26.01
C GLY A 144 25.03 7.89 -25.49
N LYS A 145 25.22 6.79 -24.73
CA LYS A 145 24.09 6.05 -24.10
C LYS A 145 24.18 6.12 -22.58
N SER A 146 23.19 5.58 -21.88
CA SER A 146 23.22 5.40 -20.42
C SER A 146 22.94 3.93 -20.10
N ALA A 147 23.35 3.48 -18.91
CA ALA A 147 23.13 2.09 -18.49
C ALA A 147 21.64 1.88 -18.13
N LEU A 148 21.06 2.72 -17.28
CA LEU A 148 19.80 2.35 -16.57
C LEU A 148 18.93 3.58 -16.30
N MET A 149 17.67 3.50 -16.69
CA MET A 149 16.66 4.50 -16.30
C MET A 149 15.39 3.77 -15.87
N PHE A 150 14.86 4.18 -14.71
CA PHE A 150 13.61 3.61 -14.16
C PHE A 150 12.95 4.66 -13.26
N ASN A 151 11.68 4.42 -12.99
CA ASN A 151 10.78 5.40 -12.35
C ASN A 151 11.25 5.57 -10.90
N LEU A 152 11.79 6.74 -10.55
CA LEU A 152 12.26 7.04 -9.17
C LEU A 152 11.19 7.79 -8.38
N GLN A 153 10.00 7.96 -8.94
CA GLN A 153 8.90 8.69 -8.29
C GLN A 153 7.97 7.70 -7.57
N GLU A 154 8.10 6.38 -7.80
CA GLU A 154 7.26 5.39 -7.11
C GLU A 154 8.16 4.36 -6.45
N PRO A 155 8.05 4.17 -5.11
CA PRO A 155 8.97 3.34 -4.34
C PRO A 155 8.97 1.89 -4.83
N TYR A 156 7.85 1.47 -5.42
CA TYR A 156 7.70 0.11 -5.99
C TYR A 156 8.95 -0.25 -6.78
N PHE A 157 9.47 0.68 -7.58
CA PHE A 157 10.56 0.37 -8.55
C PHE A 157 11.90 0.31 -7.82
N THR A 158 12.02 1.04 -6.72
CA THR A 158 13.28 1.05 -5.92
C THR A 158 13.29 -0.03 -4.84
N TRP A 159 12.14 -0.58 -4.49
CA TRP A 159 12.02 -1.54 -3.34
C TRP A 159 12.92 -2.77 -3.52
N PRO A 160 13.02 -3.38 -4.73
CA PRO A 160 13.83 -4.58 -4.88
C PRO A 160 15.27 -4.38 -4.37
N LEU A 161 15.84 -3.19 -4.60
CA LEU A 161 17.22 -2.86 -4.18
C LEU A 161 17.27 -2.56 -2.67
N ILE A 162 16.29 -1.84 -2.16
CA ILE A 162 16.18 -1.56 -0.71
C ILE A 162 16.04 -2.88 0.03
N ALA A 163 15.34 -3.86 -0.54
CA ALA A 163 15.03 -5.14 0.13
C ALA A 163 16.15 -6.15 -0.05
N ALA A 164 17.06 -5.94 -1.00
CA ALA A 164 18.05 -6.97 -1.40
C ALA A 164 18.87 -7.41 -0.18
N ASP A 165 19.46 -6.45 0.54
CA ASP A 165 20.38 -6.70 1.68
C ASP A 165 19.63 -6.71 3.02
N GLY A 166 18.30 -6.83 3.05
CA GLY A 166 17.54 -7.13 4.29
C GLY A 166 16.50 -6.10 4.70
N GLY A 167 16.26 -5.06 3.88
CA GLY A 167 15.12 -4.15 4.09
C GLY A 167 13.82 -4.93 3.99
N TYR A 168 12.78 -4.54 4.71
CA TYR A 168 11.46 -5.22 4.60
C TYR A 168 10.38 -4.30 5.18
N ALA A 169 9.12 -4.61 4.89
CA ALA A 169 7.99 -3.83 5.38
C ALA A 169 7.53 -4.44 6.72
N PHE A 170 6.96 -5.64 6.69
CA PHE A 170 6.43 -6.34 7.89
C PHE A 170 6.97 -7.76 7.91
N LYS A 171 7.67 -8.14 8.99
CA LYS A 171 8.23 -9.51 9.16
C LYS A 171 7.07 -10.51 9.18
N TYR A 172 7.25 -11.68 8.55
CA TYR A 172 6.21 -12.75 8.54
C TYR A 172 6.53 -13.83 9.59
N TYR A 177 2.26 -12.07 9.68
CA TYR A 177 2.77 -10.68 9.57
C TYR A 177 2.76 -10.00 10.93
N ASP A 178 3.97 -9.73 11.43
CA ASP A 178 4.20 -9.00 12.70
C ASP A 178 4.29 -7.50 12.37
N ILE A 179 3.18 -6.77 12.55
CA ILE A 179 3.13 -5.30 12.23
C ILE A 179 3.90 -4.49 13.28
N LYS A 180 4.43 -5.12 14.34
CA LYS A 180 5.36 -4.52 15.34
C LYS A 180 6.79 -4.46 14.76
N ASP A 181 7.10 -5.28 13.74
CA ASP A 181 8.46 -5.48 13.18
C ASP A 181 8.55 -4.83 11.79
N VAL A 182 8.92 -3.55 11.72
CA VAL A 182 9.04 -2.78 10.44
C VAL A 182 10.52 -2.68 10.06
N GLY A 183 10.85 -3.03 8.81
CA GLY A 183 12.24 -3.17 8.33
C GLY A 183 12.68 -2.02 7.44
N VAL A 184 12.10 -0.83 7.61
CA VAL A 184 12.27 0.32 6.68
C VAL A 184 13.59 1.05 6.93
N ASP A 185 14.08 1.16 8.18
CA ASP A 185 15.34 1.90 8.42
C ASP A 185 16.46 0.99 8.95
N ASN A 186 16.42 -0.33 8.71
CA ASN A 186 17.51 -1.28 9.12
C ASN A 186 18.73 -1.09 8.20
N ALA A 187 19.84 -1.77 8.48
CA ALA A 187 21.11 -1.53 7.76
C ALA A 187 20.95 -1.92 6.27
N GLY A 188 20.16 -2.96 5.98
CA GLY A 188 19.95 -3.50 4.64
C GLY A 188 19.28 -2.47 3.77
N ALA A 189 18.20 -1.89 4.27
CA ALA A 189 17.45 -0.80 3.64
C ALA A 189 18.38 0.39 3.38
N LYS A 190 19.17 0.76 4.37
CA LYS A 190 20.11 1.91 4.31
C LYS A 190 21.11 1.66 3.18
N ALA A 191 21.71 0.48 3.11
CA ALA A 191 22.76 0.15 2.14
C ALA A 191 22.16 0.25 0.72
N GLY A 192 20.93 -0.23 0.55
CA GLY A 192 20.22 -0.25 -0.74
C GLY A 192 19.94 1.17 -1.25
N LEU A 193 19.36 1.99 -0.39
CA LEU A 193 19.00 3.37 -0.80
C LEU A 193 20.27 4.21 -0.96
N THR A 194 21.32 3.98 -0.17
CA THR A 194 22.63 4.69 -0.30
C THR A 194 23.21 4.41 -1.69
N PHE A 195 23.19 3.16 -2.14
CA PHE A 195 23.69 2.76 -3.48
C PHE A 195 22.88 3.50 -4.54
N LEU A 196 21.56 3.60 -4.35
CA LEU A 196 20.74 4.39 -5.29
C LEU A 196 21.20 5.85 -5.30
N VAL A 197 21.33 6.44 -4.13
CA VAL A 197 21.69 7.89 -4.04
C VAL A 197 23.07 8.10 -4.68
N ASP A 198 23.99 7.16 -4.46
CA ASP A 198 25.35 7.24 -5.05
C ASP A 198 25.26 7.17 -6.59
N LEU A 199 24.33 6.41 -7.17
CA LEU A 199 24.16 6.33 -8.64
C LEU A 199 23.75 7.73 -9.13
N ILE A 200 22.92 8.41 -8.33
CA ILE A 200 22.40 9.75 -8.70
C ILE A 200 23.51 10.80 -8.55
N LYS A 201 24.27 10.70 -7.47
CA LYS A 201 25.35 11.65 -7.13
C LYS A 201 26.44 11.55 -8.21
N ASN A 202 26.74 10.32 -8.66
CA ASN A 202 27.84 10.01 -9.61
C ASN A 202 27.29 10.20 -11.04
N LYS A 203 26.08 10.74 -11.16
CA LYS A 203 25.42 11.16 -12.42
C LYS A 203 25.07 9.96 -13.30
N HIS A 204 25.00 8.74 -12.74
CA HIS A 204 24.54 7.53 -13.46
C HIS A 204 23.01 7.51 -13.55
N MET A 205 22.32 8.27 -12.72
CA MET A 205 20.85 8.39 -12.78
C MET A 205 20.46 9.80 -12.39
N ASN A 206 19.27 10.22 -12.80
CA ASN A 206 18.71 11.56 -12.54
C ASN A 206 17.51 11.41 -11.57
N ALA A 207 17.53 12.16 -10.46
CA ALA A 207 16.50 12.09 -9.40
C ALA A 207 15.11 12.40 -9.94
N ASP A 208 14.99 13.11 -11.07
CA ASP A 208 13.67 13.53 -11.62
C ASP A 208 13.07 12.47 -12.54
N THR A 209 13.82 11.43 -12.94
CA THR A 209 13.29 10.37 -13.85
C THR A 209 11.98 9.78 -13.30
N ASP A 210 10.93 9.81 -14.12
CA ASP A 210 9.60 9.25 -13.77
C ASP A 210 9.28 8.10 -14.72
N TYR A 211 8.03 7.61 -14.69
CA TYR A 211 7.60 6.48 -15.52
C TYR A 211 7.84 6.88 -16.98
N SER A 212 7.33 8.05 -17.39
CA SER A 212 7.30 8.47 -18.81
C SER A 212 8.71 8.62 -19.37
N ILE A 213 9.60 9.19 -18.59
CA ILE A 213 10.97 9.54 -19.04
C ILE A 213 11.77 8.23 -19.22
N ALA A 214 11.65 7.28 -18.26
CA ALA A 214 12.37 5.99 -18.29
C ALA A 214 11.88 5.21 -19.50
N GLU A 215 10.57 5.22 -19.69
CA GLU A 215 9.91 4.43 -20.76
C GLU A 215 10.37 4.93 -22.12
N ALA A 216 10.29 6.24 -22.33
CA ALA A 216 10.66 6.89 -23.61
C ALA A 216 12.16 6.66 -23.85
N ALA A 217 13.00 6.89 -22.86
CA ALA A 217 14.47 6.70 -23.01
C ALA A 217 14.78 5.25 -23.42
N PHE A 218 14.15 4.26 -22.81
CA PHE A 218 14.42 2.85 -23.19
C PHE A 218 13.94 2.58 -24.63
N ASN A 219 12.67 2.87 -24.89
CA ASN A 219 11.95 2.58 -26.16
C ASN A 219 12.61 3.34 -27.32
N LYS A 220 13.34 4.43 -27.08
CA LYS A 220 14.07 5.16 -28.16
C LYS A 220 15.52 4.71 -28.24
N GLY A 221 15.91 3.71 -27.45
CA GLY A 221 17.26 3.14 -27.49
C GLY A 221 18.29 4.06 -26.86
N GLU A 222 17.90 4.96 -25.95
CA GLU A 222 18.88 5.91 -25.35
C GLU A 222 19.56 5.28 -24.13
N THR A 223 18.86 4.43 -23.41
CA THR A 223 19.36 3.76 -22.18
C THR A 223 19.28 2.26 -22.42
N ALA A 224 20.27 1.51 -21.95
CA ALA A 224 20.42 0.06 -22.20
C ALA A 224 19.47 -0.77 -21.33
N MET A 225 19.01 -0.24 -20.20
CA MET A 225 18.21 -1.03 -19.24
C MET A 225 17.11 -0.19 -18.64
N THR A 226 16.00 -0.84 -18.32
CA THR A 226 14.99 -0.26 -17.43
C THR A 226 14.50 -1.36 -16.49
N ILE A 227 13.67 -0.96 -15.53
CA ILE A 227 13.03 -1.87 -14.55
C ILE A 227 11.53 -1.61 -14.65
N ASN A 228 10.80 -2.67 -14.95
CA ASN A 228 9.37 -2.49 -15.28
C ASN A 228 8.70 -3.86 -15.26
N GLY A 229 7.38 -3.81 -15.29
CA GLY A 229 6.55 -5.01 -15.23
C GLY A 229 6.09 -5.40 -16.61
N PRO A 230 5.37 -6.53 -16.71
CA PRO A 230 4.86 -7.05 -17.98
C PRO A 230 4.01 -6.09 -18.81
N TRP A 231 3.18 -5.28 -18.14
CA TRP A 231 2.34 -4.24 -18.80
C TRP A 231 3.18 -3.42 -19.79
N ALA A 232 4.45 -3.15 -19.49
CA ALA A 232 5.39 -2.31 -20.30
C ALA A 232 5.79 -2.97 -21.62
N TRP A 233 5.64 -4.28 -21.76
CA TRP A 233 6.24 -4.99 -22.93
C TRP A 233 5.59 -4.54 -24.24
N SER A 234 4.29 -4.22 -24.25
CA SER A 234 3.53 -3.74 -25.45
C SER A 234 4.25 -2.55 -26.06
N ASN A 235 4.44 -1.48 -25.28
CA ASN A 235 5.06 -0.23 -25.78
C ASN A 235 6.45 -0.55 -26.32
N ILE A 236 7.14 -1.55 -25.75
CA ILE A 236 8.49 -1.92 -26.21
C ILE A 236 8.38 -2.70 -27.53
N ASP A 237 7.42 -3.61 -27.66
CA ASP A 237 7.12 -4.29 -28.96
C ASP A 237 6.97 -3.24 -30.08
N THR A 238 6.13 -2.22 -29.88
CA THR A 238 5.83 -1.15 -30.86
C THR A 238 7.12 -0.41 -31.22
N SER A 239 8.01 -0.21 -30.25
CA SER A 239 9.25 0.60 -30.39
C SER A 239 10.27 -0.05 -31.35
N ALA A 240 10.21 -1.36 -31.60
CA ALA A 240 11.23 -2.04 -32.43
C ALA A 240 12.57 -2.17 -31.68
N VAL A 241 12.59 -1.99 -30.35
CA VAL A 241 13.82 -2.24 -29.55
C VAL A 241 13.97 -3.75 -29.40
N ASN A 242 15.16 -4.27 -29.64
CA ASN A 242 15.43 -5.71 -29.45
C ASN A 242 15.66 -5.97 -27.95
N TYR A 243 14.66 -6.35 -27.18
CA TYR A 243 14.76 -6.30 -25.69
C TYR A 243 14.79 -7.73 -25.14
N GLY A 244 15.38 -7.87 -23.97
CA GLY A 244 15.28 -9.10 -23.18
C GLY A 244 14.72 -8.80 -21.83
N VAL A 245 14.12 -9.81 -21.21
CA VAL A 245 13.55 -9.70 -19.85
C VAL A 245 14.25 -10.74 -19.01
N THR A 246 14.83 -10.33 -17.88
CA THR A 246 15.84 -11.12 -17.16
C THR A 246 15.75 -10.84 -15.67
N VAL A 247 16.55 -11.61 -14.95
CA VAL A 247 16.66 -11.57 -13.47
C VAL A 247 17.24 -10.21 -13.12
N LEU A 248 16.73 -9.61 -12.05
CA LEU A 248 17.25 -8.31 -11.54
C LEU A 248 18.69 -8.51 -11.08
N PRO A 249 19.50 -7.44 -11.08
CA PRO A 249 20.89 -7.55 -10.64
C PRO A 249 20.86 -7.82 -9.13
N THR A 250 21.87 -8.54 -8.66
CA THR A 250 22.12 -8.75 -7.21
C THR A 250 22.70 -7.48 -6.61
N PHE A 251 22.57 -7.35 -5.30
CA PHE A 251 23.21 -6.30 -4.48
C PHE A 251 23.89 -6.99 -3.30
N LYS A 252 25.17 -6.69 -3.08
CA LYS A 252 26.03 -7.37 -2.06
C LYS A 252 25.84 -8.90 -2.16
N GLY A 253 25.87 -9.45 -3.37
CA GLY A 253 25.69 -10.89 -3.64
C GLY A 253 24.28 -11.38 -3.39
N GLN A 254 23.34 -10.52 -2.97
CA GLN A 254 21.97 -11.00 -2.62
C GLN A 254 20.97 -10.57 -3.70
N PRO A 255 19.97 -11.41 -4.03
CA PRO A 255 19.00 -11.05 -5.05
C PRO A 255 18.25 -9.77 -4.70
N SER A 256 17.89 -9.02 -5.74
CA SER A 256 16.85 -7.98 -5.63
C SER A 256 15.54 -8.70 -5.35
N LYS A 257 14.74 -8.18 -4.44
CA LYS A 257 13.48 -8.82 -4.02
C LYS A 257 12.35 -7.86 -4.33
N PRO A 258 11.76 -7.94 -5.53
CA PRO A 258 10.63 -7.10 -5.89
C PRO A 258 9.44 -7.48 -5.01
N PHE A 259 8.65 -6.50 -4.61
CA PHE A 259 7.37 -6.71 -3.91
C PHE A 259 6.40 -7.24 -4.97
N VAL A 260 5.85 -8.43 -4.74
CA VAL A 260 5.00 -9.10 -5.78
C VAL A 260 3.55 -8.65 -5.55
N GLY A 261 2.89 -8.24 -6.63
CA GLY A 261 1.49 -7.77 -6.65
C GLY A 261 0.60 -8.73 -7.38
N VAL A 262 -0.58 -9.01 -6.85
CA VAL A 262 -1.62 -9.76 -7.61
C VAL A 262 -2.67 -8.74 -8.05
N LEU A 263 -2.71 -8.40 -9.33
CA LEU A 263 -3.80 -7.56 -9.91
C LEU A 263 -5.13 -8.23 -9.54
N SER A 264 -6.01 -7.47 -8.90
CA SER A 264 -7.23 -7.99 -8.24
C SER A 264 -8.42 -7.06 -8.55
N ALA A 265 -9.62 -7.64 -8.64
CA ALA A 265 -10.89 -6.97 -8.97
C ALA A 265 -11.80 -7.08 -7.74
N GLY A 266 -12.04 -5.97 -7.08
CA GLY A 266 -12.94 -5.86 -5.92
C GLY A 266 -14.26 -5.28 -6.33
N ILE A 267 -15.29 -5.58 -5.55
CA ILE A 267 -16.69 -5.14 -5.81
C ILE A 267 -17.07 -4.15 -4.72
N ASN A 268 -17.44 -2.94 -5.14
CA ASN A 268 -17.90 -1.86 -4.23
C ASN A 268 -19.01 -2.40 -3.33
N ALA A 269 -18.85 -2.26 -2.01
CA ALA A 269 -19.90 -2.59 -1.02
C ALA A 269 -21.19 -1.78 -1.27
N ALA A 270 -21.09 -0.56 -1.82
CA ALA A 270 -22.24 0.33 -2.08
C ALA A 270 -22.87 0.04 -3.45
N SER A 271 -22.34 -0.92 -4.21
CA SER A 271 -22.79 -1.23 -5.58
C SER A 271 -24.14 -1.93 -5.51
N PRO A 272 -25.13 -1.51 -6.32
CA PRO A 272 -26.38 -2.26 -6.41
C PRO A 272 -26.35 -3.23 -7.59
N ASN A 273 -25.14 -3.53 -8.11
CA ASN A 273 -24.95 -4.42 -9.29
C ASN A 273 -23.97 -5.55 -8.96
N LYS A 274 -24.00 -6.09 -7.74
CA LYS A 274 -22.97 -7.04 -7.26
C LYS A 274 -23.10 -8.34 -8.05
N GLU A 275 -24.33 -8.77 -8.38
CA GLU A 275 -24.52 -10.02 -9.16
C GLU A 275 -24.00 -9.84 -10.60
N LEU A 276 -24.18 -8.65 -11.20
CA LEU A 276 -23.67 -8.39 -12.57
C LEU A 276 -22.13 -8.40 -12.53
N ALA A 277 -21.57 -7.77 -11.49
CA ALA A 277 -20.10 -7.66 -11.30
C ALA A 277 -19.51 -9.06 -11.16
N LYS A 278 -20.10 -9.89 -10.30
CA LYS A 278 -19.70 -11.31 -10.09
C LYS A 278 -19.81 -12.06 -11.42
N GLU A 279 -20.90 -11.85 -12.18
CA GLU A 279 -21.15 -12.56 -13.46
C GLU A 279 -20.07 -12.16 -14.49
N PHE A 280 -19.79 -10.87 -14.59
CA PHE A 280 -18.74 -10.32 -15.48
C PHE A 280 -17.37 -10.92 -15.11
N LEU A 281 -17.02 -10.87 -13.83
CA LEU A 281 -15.64 -11.25 -13.41
C LEU A 281 -15.46 -12.76 -13.53
N GLU A 282 -16.38 -13.56 -13.00
CA GLU A 282 -16.22 -15.04 -13.02
C GLU A 282 -16.40 -15.62 -14.44
N ASN A 283 -17.38 -15.15 -15.24
CA ASN A 283 -17.80 -15.87 -16.47
C ASN A 283 -17.36 -15.13 -17.73
N TYR A 284 -16.91 -13.87 -17.65
CA TYR A 284 -16.39 -13.15 -18.85
C TYR A 284 -14.90 -12.82 -18.71
N LEU A 285 -14.45 -12.14 -17.66
CA LEU A 285 -13.01 -11.78 -17.54
C LEU A 285 -12.17 -13.02 -17.24
N LEU A 286 -12.48 -13.76 -16.17
CA LEU A 286 -11.58 -14.85 -15.67
C LEU A 286 -11.83 -16.11 -16.51
N THR A 287 -11.65 -15.99 -17.83
CA THR A 287 -11.80 -17.07 -18.85
C THR A 287 -10.61 -16.96 -19.79
N ASP A 288 -10.37 -17.97 -20.63
CA ASP A 288 -9.21 -17.98 -21.56
C ASP A 288 -9.38 -16.77 -22.48
N GLU A 289 -10.61 -16.48 -22.93
CA GLU A 289 -10.89 -15.43 -23.94
C GLU A 289 -10.90 -14.04 -23.26
N GLY A 290 -11.39 -13.95 -22.03
CA GLY A 290 -11.34 -12.71 -21.25
C GLY A 290 -9.91 -12.26 -21.03
N LEU A 291 -9.09 -13.10 -20.41
CA LEU A 291 -7.70 -12.72 -20.06
C LEU A 291 -6.87 -12.51 -21.33
N GLU A 292 -7.08 -13.31 -22.39
CA GLU A 292 -6.34 -13.09 -23.66
C GLU A 292 -6.65 -11.69 -24.17
N ALA A 293 -7.94 -11.27 -24.16
CA ALA A 293 -8.33 -9.95 -24.66
C ALA A 293 -7.51 -8.87 -23.92
N VAL A 294 -7.44 -8.94 -22.58
CA VAL A 294 -6.72 -7.92 -21.74
C VAL A 294 -5.22 -8.01 -22.06
N ASN A 295 -4.70 -9.23 -22.07
CA ASN A 295 -3.26 -9.58 -22.21
C ASN A 295 -2.73 -9.06 -23.55
N LYS A 296 -3.48 -9.24 -24.63
CA LYS A 296 -3.12 -8.77 -26.00
C LYS A 296 -2.94 -7.26 -26.04
N ASP A 297 -3.66 -6.57 -25.16
CA ASP A 297 -3.54 -5.10 -25.11
C ASP A 297 -2.26 -4.78 -24.31
N LYS A 298 -2.19 -5.20 -23.05
CA LYS A 298 -1.01 -5.05 -22.16
C LYS A 298 -0.82 -6.34 -21.39
N PRO A 299 0.37 -7.01 -21.46
CA PRO A 299 0.57 -8.25 -20.72
C PRO A 299 0.21 -8.09 -19.24
N LEU A 300 -0.53 -9.08 -18.76
CA LEU A 300 -0.98 -9.21 -17.36
C LEU A 300 0.14 -9.79 -16.46
N GLY A 301 1.04 -10.58 -17.04
CA GLY A 301 2.01 -11.37 -16.26
C GLY A 301 1.60 -12.82 -16.25
N ALA A 302 1.79 -13.47 -15.10
CA ALA A 302 1.40 -14.88 -14.82
C ALA A 302 -0.02 -14.85 -14.30
N VAL A 303 -0.97 -15.20 -15.15
CA VAL A 303 -2.42 -15.06 -14.82
C VAL A 303 -2.81 -16.08 -13.74
N ALA A 304 -3.76 -15.69 -12.88
CA ALA A 304 -4.32 -16.52 -11.78
C ALA A 304 -5.07 -17.71 -12.37
N LEU A 305 -5.52 -17.62 -13.62
CA LEU A 305 -6.34 -18.68 -14.27
C LEU A 305 -5.43 -19.78 -14.83
N LYS A 306 -5.50 -20.97 -14.24
CA LYS A 306 -4.61 -22.12 -14.53
C LYS A 306 -4.63 -22.42 -16.03
N SER A 307 -5.80 -22.62 -16.62
CA SER A 307 -5.89 -23.01 -18.06
C SER A 307 -4.99 -22.09 -18.87
N TYR A 308 -5.11 -20.77 -18.71
CA TYR A 308 -4.44 -19.78 -19.59
C TYR A 308 -3.01 -19.55 -19.10
N GLU A 309 -2.75 -19.65 -17.80
CA GLU A 309 -1.35 -19.58 -17.31
C GLU A 309 -0.51 -20.69 -17.95
N GLU A 310 -1.08 -21.86 -18.24
CA GLU A 310 -0.30 -23.00 -18.81
C GLU A 310 0.17 -22.65 -20.23
N GLU A 311 -0.64 -21.89 -20.99
CA GLU A 311 -0.32 -21.41 -22.36
C GLU A 311 0.81 -20.35 -22.27
N LEU A 312 0.73 -19.39 -21.35
CA LEU A 312 1.65 -18.21 -21.27
C LEU A 312 2.99 -18.56 -20.63
N ALA A 313 3.08 -19.68 -19.93
CA ALA A 313 4.27 -20.01 -19.10
C ALA A 313 5.46 -20.40 -19.98
N LYS A 314 5.26 -20.74 -21.26
CA LYS A 314 6.33 -21.06 -22.24
C LYS A 314 7.07 -19.80 -22.69
N ASP A 315 6.47 -18.63 -22.48
CA ASP A 315 7.09 -17.31 -22.80
C ASP A 315 8.25 -17.07 -21.83
N PRO A 316 9.48 -16.92 -22.34
CA PRO A 316 10.64 -16.67 -21.47
C PRO A 316 10.49 -15.40 -20.61
N ARG A 317 9.78 -14.40 -21.12
CA ARG A 317 9.55 -13.11 -20.37
C ARG A 317 8.72 -13.42 -19.11
N ILE A 318 7.80 -14.38 -19.18
CA ILE A 318 6.96 -14.78 -18.02
C ILE A 318 7.81 -15.61 -17.05
N ALA A 319 8.64 -16.49 -17.61
CA ALA A 319 9.59 -17.31 -16.82
C ALA A 319 10.44 -16.33 -16.02
N ALA A 320 11.03 -15.34 -16.68
CA ALA A 320 11.83 -14.30 -15.99
C ALA A 320 10.98 -13.58 -14.93
N THR A 321 9.73 -13.27 -15.24
CA THR A 321 8.82 -12.57 -14.29
C THR A 321 8.72 -13.44 -13.03
N MET A 322 8.41 -14.74 -13.20
CA MET A 322 8.21 -15.67 -12.07
C MET A 322 9.54 -15.88 -11.33
N GLU A 323 10.67 -15.93 -12.04
CA GLU A 323 12.00 -16.03 -11.40
C GLU A 323 12.20 -14.84 -10.46
N ASN A 324 11.85 -13.61 -10.90
CA ASN A 324 11.94 -12.41 -10.04
C ASN A 324 10.90 -12.53 -8.91
N ALA A 325 9.68 -12.98 -9.22
CA ALA A 325 8.63 -13.25 -8.20
C ALA A 325 9.17 -14.21 -7.11
N GLN A 326 9.79 -15.34 -7.48
CA GLN A 326 10.26 -16.37 -6.49
C GLN A 326 11.24 -15.70 -5.52
N LYS A 327 12.11 -14.83 -6.03
CA LYS A 327 13.19 -14.18 -5.23
C LYS A 327 12.62 -13.01 -4.44
N GLY A 328 11.41 -12.55 -4.79
CA GLY A 328 10.75 -11.44 -4.08
C GLY A 328 9.86 -11.98 -2.98
N GLU A 329 8.92 -11.15 -2.51
CA GLU A 329 7.87 -11.50 -1.52
C GLU A 329 6.53 -10.98 -2.04
N ILE A 330 5.48 -11.80 -1.88
CA ILE A 330 4.08 -11.36 -2.05
C ILE A 330 3.82 -10.20 -1.09
N MET A 331 3.27 -9.09 -1.57
CA MET A 331 3.01 -7.93 -0.69
C MET A 331 1.98 -8.33 0.36
N PRO A 332 2.08 -7.79 1.59
CA PRO A 332 0.99 -7.84 2.57
C PRO A 332 -0.24 -7.07 2.08
N ASN A 333 -1.44 -7.48 2.49
CA ASN A 333 -2.68 -6.76 2.11
C ASN A 333 -3.24 -6.02 3.30
N ILE A 334 -2.47 -5.93 4.39
CA ILE A 334 -2.96 -5.34 5.68
C ILE A 334 -3.14 -3.82 5.51
N PRO A 335 -4.04 -3.16 6.29
CA PRO A 335 -4.39 -1.76 6.11
C PRO A 335 -3.27 -0.73 6.29
N GLN A 336 -2.21 -1.14 6.98
CA GLN A 336 -0.94 -0.40 7.20
C GLN A 336 -0.21 -0.13 5.86
N MET A 337 -0.48 -0.91 4.80
CA MET A 337 0.32 -0.87 3.54
C MET A 337 0.26 0.53 2.92
N SER A 338 -0.91 1.16 2.86
CA SER A 338 -1.08 2.53 2.32
C SER A 338 -0.05 3.45 2.96
N ALA A 339 0.01 3.46 4.30
CA ALA A 339 0.86 4.41 5.04
C ALA A 339 2.31 4.03 4.78
N PHE A 340 2.62 2.74 4.70
CA PHE A 340 3.99 2.27 4.44
C PHE A 340 4.48 2.87 3.10
N TRP A 341 3.67 2.73 2.06
CA TRP A 341 4.00 3.23 0.69
C TRP A 341 4.11 4.75 0.68
N TYR A 342 3.22 5.46 1.37
CA TYR A 342 3.25 6.95 1.39
C TYR A 342 4.58 7.38 2.02
N ALA A 343 5.03 6.68 3.06
CA ALA A 343 6.25 7.01 3.82
C ALA A 343 7.50 6.73 2.96
N VAL A 344 7.59 5.56 2.36
CA VAL A 344 8.78 5.11 1.57
C VAL A 344 8.89 5.93 0.27
N ARG A 345 7.78 6.30 -0.38
CA ARG A 345 7.74 7.20 -1.56
C ARG A 345 8.48 8.50 -1.21
N THR A 346 8.05 9.19 -0.14
CA THR A 346 8.68 10.43 0.40
C THR A 346 10.17 10.16 0.69
N ALA A 347 10.53 9.10 1.41
CA ALA A 347 11.93 8.84 1.77
C ALA A 347 12.80 8.74 0.49
N VAL A 348 12.35 7.99 -0.52
CA VAL A 348 13.13 7.73 -1.76
C VAL A 348 13.28 9.08 -2.49
N ILE A 349 12.20 9.86 -2.56
CA ILE A 349 12.23 11.14 -3.32
C ILE A 349 13.17 12.13 -2.61
N ASN A 350 13.13 12.16 -1.28
CA ASN A 350 13.92 13.12 -0.48
C ASN A 350 15.38 12.68 -0.52
N ALA A 351 15.64 11.39 -0.46
CA ALA A 351 17.04 10.91 -0.44
C ALA A 351 17.68 11.16 -1.81
N ALA A 352 16.89 11.00 -2.86
CA ALA A 352 17.32 11.11 -4.27
C ALA A 352 17.66 12.56 -4.61
N SER A 353 16.83 13.50 -4.15
CA SER A 353 16.96 14.95 -4.45
C SER A 353 17.99 15.60 -3.54
N GLY A 354 18.34 14.98 -2.42
CA GLY A 354 19.22 15.58 -1.41
C GLY A 354 18.48 16.42 -0.39
N ARG A 355 17.14 16.51 -0.42
CA ARG A 355 16.34 17.20 0.64
C ARG A 355 16.69 16.59 2.00
N GLN A 356 16.86 15.27 2.08
CA GLN A 356 17.26 14.59 3.35
C GLN A 356 18.38 13.60 3.05
N THR A 357 19.18 13.28 4.07
CA THR A 357 20.15 12.16 3.98
C THR A 357 19.36 10.86 3.97
N VAL A 358 20.00 9.76 3.63
CA VAL A 358 19.37 8.41 3.65
C VAL A 358 18.90 8.08 5.08
N ASP A 359 19.77 8.27 6.07
CA ASP A 359 19.48 7.97 7.50
C ASP A 359 18.25 8.76 7.93
N GLU A 360 18.21 10.06 7.62
CA GLU A 360 17.07 10.94 7.95
C GLU A 360 15.81 10.43 7.24
N ALA A 361 15.91 10.22 5.94
CA ALA A 361 14.76 9.85 5.08
C ALA A 361 14.14 8.56 5.62
N LEU A 362 14.93 7.53 5.88
CA LEU A 362 14.40 6.20 6.28
C LEU A 362 13.92 6.23 7.74
N LYS A 363 14.51 7.11 8.56
CA LYS A 363 14.05 7.34 9.96
C LYS A 363 12.62 7.85 9.92
N ASP A 364 12.36 8.89 9.13
CA ASP A 364 11.01 9.45 8.92
C ASP A 364 10.08 8.37 8.37
N ALA A 365 10.56 7.48 7.51
CA ALA A 365 9.70 6.50 6.83
C ALA A 365 9.35 5.40 7.83
N GLN A 366 10.29 4.99 8.68
CA GLN A 366 10.05 3.99 9.76
C GLN A 366 9.00 4.57 10.74
N THR A 367 9.11 5.86 11.10
CA THR A 367 8.14 6.52 12.00
C THR A 367 6.77 6.48 11.33
N GLY A 368 6.71 6.80 10.04
CA GLY A 368 5.40 6.87 9.35
C GLY A 368 4.75 5.50 9.26
N SER A 369 5.55 4.48 8.99
CA SER A 369 5.06 3.10 8.79
C SER A 369 4.54 2.56 10.13
N GLU A 370 5.11 3.02 11.23
CA GLU A 370 4.83 2.46 12.57
C GLU A 370 3.77 3.32 13.27
N LEU A 371 3.45 4.49 12.71
CA LEU A 371 2.72 5.54 13.45
C LEU A 371 1.40 4.99 13.98
N TYR A 372 0.66 4.26 13.14
CA TYR A 372 -0.69 3.82 13.50
C TYR A 372 -0.59 2.89 14.69
N ARG A 373 0.25 1.88 14.57
CA ARG A 373 0.28 0.77 15.55
C ARG A 373 0.78 1.37 16.86
N GLN A 374 1.74 2.29 16.79
CA GLN A 374 2.38 2.89 17.99
C GLN A 374 1.35 3.79 18.69
N SER A 375 0.60 4.56 17.93
CA SER A 375 -0.47 5.43 18.47
C SER A 375 -1.51 4.55 19.18
N LEU A 376 -2.00 3.51 18.50
CA LEU A 376 -3.06 2.63 19.05
C LEU A 376 -2.56 1.99 20.35
N GLU A 377 -1.31 1.56 20.37
CA GLU A 377 -0.66 0.90 21.52
C GLU A 377 -0.80 1.82 22.74
N ILE A 378 -0.39 3.06 22.56
CA ILE A 378 -0.37 4.04 23.67
C ILE A 378 -1.81 4.30 24.09
N ILE A 379 -2.68 4.54 23.13
CA ILE A 379 -4.07 5.03 23.38
C ILE A 379 -4.91 3.92 23.98
N SER A 380 -4.85 2.73 23.42
CA SER A 380 -5.59 1.56 23.94
C SER A 380 -5.10 1.24 25.37
N ARG A 381 -3.79 1.21 25.60
CA ARG A 381 -3.28 0.94 26.96
C ARG A 381 -3.80 2.01 27.92
N TYR A 382 -3.76 3.29 27.54
CA TYR A 382 -4.19 4.38 28.43
C TYR A 382 -5.70 4.26 28.70
N LEU A 383 -6.51 4.09 27.67
CA LEU A 383 -7.98 3.98 27.85
C LEU A 383 -8.34 2.77 28.73
N ARG A 384 -7.69 1.63 28.55
CA ARG A 384 -8.02 0.37 29.27
C ARG A 384 -7.63 0.54 30.75
N GLU A 385 -6.44 1.08 31.03
CA GLU A 385 -5.94 1.18 32.43
C GLU A 385 -6.79 2.23 33.17
N GLN A 386 -7.17 3.28 32.48
CA GLN A 386 -8.03 4.35 33.03
C GLN A 386 -9.40 3.73 33.35
N ALA A 387 -9.94 2.91 32.46
CA ALA A 387 -11.29 2.29 32.65
C ALA A 387 -11.29 1.28 33.80
N THR A 388 -10.24 0.46 33.92
CA THR A 388 -10.19 -0.68 34.87
C THR A 388 -9.42 -0.36 36.16
N GLY A 389 -8.58 0.68 36.20
CA GLY A 389 -7.71 1.01 37.33
C GLY A 389 -6.42 0.19 37.38
N ALA A 390 -6.18 -0.72 36.43
CA ALA A 390 -4.96 -1.55 36.42
C ALA A 390 -4.30 -1.50 35.04
N ALA A 391 -2.97 -1.40 35.03
CA ALA A 391 -2.15 -1.28 33.82
C ALA A 391 -2.09 -2.65 33.15
N ASP A 392 -1.74 -2.66 31.89
CA ASP A 392 -1.51 -3.94 31.16
C ASP A 392 -0.09 -4.39 31.49
N THR A 393 0.06 -5.66 31.86
CA THR A 393 1.33 -6.23 32.38
C THR A 393 2.29 -6.56 31.21
N ALA A 394 1.76 -6.88 30.01
CA ALA A 394 2.51 -7.41 28.83
C ALA A 394 3.65 -6.47 28.41
N PRO A 395 4.75 -7.00 27.80
CA PRO A 395 5.86 -6.21 27.28
C PRO A 395 5.42 -5.34 26.09
N MET A 396 6.02 -4.15 26.01
CA MET A 396 5.70 -3.05 25.06
C MET A 396 6.36 -3.35 23.70
N GLY A 397 7.30 -4.30 23.67
CA GLY A 397 8.12 -4.70 22.50
C GLY A 397 9.58 -4.32 22.70
N ALA A 398 10.48 -4.79 21.81
CA ALA A 398 11.92 -4.44 21.78
C ALA A 398 12.10 -3.00 21.27
N SER A 399 11.20 -2.52 20.42
CA SER A 399 11.26 -1.19 19.75
C SER A 399 10.29 -0.20 20.40
N GLY A 400 9.71 -0.57 21.56
CA GLY A 400 8.66 0.22 22.23
C GLY A 400 9.13 0.87 23.52
N ALA A 401 10.36 1.39 23.58
CA ALA A 401 10.84 2.25 24.70
C ALA A 401 10.10 3.60 24.61
N THR A 402 9.88 4.07 23.39
CA THR A 402 9.03 5.23 23.01
C THR A 402 7.62 5.05 23.57
N SER A 403 7.04 3.89 23.32
CA SER A 403 5.66 3.55 23.75
C SER A 403 5.54 3.66 25.26
N ARG A 404 6.51 3.15 26.01
CA ARG A 404 6.49 3.16 27.49
C ARG A 404 6.65 4.59 28.00
N LYS A 405 7.55 5.38 27.38
CA LYS A 405 7.81 6.78 27.80
C LYS A 405 6.59 7.65 27.44
N ALA A 406 6.03 7.47 26.25
CA ALA A 406 4.83 8.21 25.81
C ALA A 406 3.69 7.89 26.78
N LEU A 407 3.51 6.63 27.19
CA LEU A 407 2.38 6.28 28.10
C LEU A 407 2.63 6.92 29.46
N GLU A 408 3.88 6.89 29.96
CA GLU A 408 4.27 7.55 31.24
C GLU A 408 3.99 9.04 31.14
N THR A 409 4.34 9.69 30.03
CA THR A 409 4.05 11.13 29.81
C THR A 409 2.54 11.34 29.79
N LEU A 410 1.82 10.51 29.05
CA LEU A 410 0.36 10.65 28.91
C LEU A 410 -0.30 10.51 30.30
N ARG A 411 0.13 9.56 31.11
CA ARG A 411 -0.37 9.40 32.51
C ARG A 411 -0.08 10.69 33.29
N ARG A 412 1.14 11.20 33.23
CA ARG A 412 1.55 12.36 34.06
C ARG A 412 0.77 13.60 33.61
N VAL A 413 0.79 13.88 32.31
CA VAL A 413 0.13 15.08 31.72
C VAL A 413 -1.38 14.91 31.72
N GLY A 414 -1.91 13.75 31.36
CA GLY A 414 -3.36 13.51 31.23
C GLY A 414 -4.06 13.47 32.59
N ASP A 415 -3.32 13.28 33.68
CA ASP A 415 -3.88 13.25 35.06
C ASP A 415 -4.70 14.52 35.27
N GLY A 416 -4.04 15.68 35.11
CA GLY A 416 -4.64 17.01 35.30
C GLY A 416 -5.77 17.27 34.32
N VAL A 417 -5.59 16.95 33.04
CA VAL A 417 -6.60 17.30 32.01
C VAL A 417 -7.93 16.64 32.39
N GLN A 418 -7.95 15.40 32.82
CA GLN A 418 -9.26 14.77 33.17
C GLN A 418 -9.87 15.51 34.36
N ARG A 419 -9.06 15.85 35.37
CA ARG A 419 -9.52 16.46 36.63
C ARG A 419 -10.04 17.89 36.34
N ASN A 420 -9.29 18.70 35.59
CA ASN A 420 -9.68 20.11 35.28
C ASN A 420 -10.91 20.10 34.36
N HIS A 421 -11.02 19.18 33.41
CA HIS A 421 -12.13 19.22 32.40
C HIS A 421 -13.28 18.28 32.79
N GLU A 422 -13.33 17.79 34.03
CA GLU A 422 -14.30 16.75 34.50
C GLU A 422 -15.76 17.20 34.24
N THR A 423 -16.10 18.41 34.63
CA THR A 423 -17.46 19.00 34.50
C THR A 423 -17.84 19.07 33.02
N ALA A 424 -16.92 19.53 32.19
CA ALA A 424 -17.14 19.74 30.73
C ALA A 424 -17.22 18.39 30.01
N PHE A 425 -16.38 17.42 30.38
CA PHE A 425 -16.39 16.04 29.84
C PHE A 425 -17.71 15.33 30.18
N GLN A 426 -18.15 15.43 31.44
CA GLN A 426 -19.45 14.85 31.91
C GLN A 426 -20.57 15.39 31.02
N GLY A 427 -20.61 16.72 30.82
CA GLY A 427 -21.63 17.38 29.97
C GLY A 427 -21.58 16.87 28.54
N MET A 428 -20.39 16.80 27.94
CA MET A 428 -20.26 16.39 26.52
C MET A 428 -20.70 14.93 26.44
N LEU A 429 -20.30 14.13 27.40
CA LEU A 429 -20.67 12.68 27.42
C LEU A 429 -22.20 12.57 27.52
N ARG A 430 -22.85 13.35 28.40
CA ARG A 430 -24.32 13.33 28.56
C ARG A 430 -24.98 13.83 27.26
N LYS A 431 -24.37 14.81 26.58
CA LYS A 431 -24.90 15.42 25.33
C LYS A 431 -24.88 14.39 24.18
N LEU A 432 -23.91 13.47 24.16
CA LEU A 432 -23.89 12.29 23.24
C LEU A 432 -24.66 11.18 23.96
N ASP A 433 -24.81 9.97 23.44
CA ASP A 433 -25.58 8.98 24.21
C ASP A 433 -24.82 7.66 24.29
N ILE A 434 -23.49 7.71 24.35
CA ILE A 434 -22.60 6.53 24.22
C ILE A 434 -23.14 5.38 25.09
N LYS A 435 -23.59 4.28 24.48
CA LYS A 435 -24.27 3.15 25.18
C LYS A 435 -23.80 1.80 24.62
N ASN A 436 -23.21 1.77 23.41
CA ASN A 436 -22.82 0.50 22.74
C ASN A 436 -21.89 0.81 21.55
N GLU A 437 -21.47 -0.24 20.83
CA GLU A 437 -20.53 -0.16 19.68
C GLU A 437 -21.14 0.72 18.58
N ASP A 438 -22.48 0.66 18.36
CA ASP A 438 -23.21 1.54 17.40
C ASP A 438 -22.82 3.01 17.64
N ASP A 439 -23.03 3.48 18.88
CA ASP A 439 -22.79 4.89 19.32
C ASP A 439 -21.32 5.32 19.11
N VAL A 440 -20.36 4.38 19.21
CA VAL A 440 -18.90 4.67 19.09
C VAL A 440 -18.58 5.09 17.65
N LYS A 441 -19.24 4.46 16.67
CA LYS A 441 -19.18 4.84 15.24
C LYS A 441 -19.37 6.37 15.13
N SER A 442 -20.44 6.88 15.74
CA SER A 442 -20.87 8.31 15.70
C SER A 442 -19.76 9.24 16.19
N LEU A 443 -18.99 8.82 17.20
CA LEU A 443 -17.98 9.67 17.89
C LEU A 443 -16.95 10.18 16.88
N SER A 444 -16.52 9.33 15.94
CA SER A 444 -15.46 9.66 14.95
C SER A 444 -15.80 10.97 14.24
N ARG A 445 -17.00 11.08 13.65
CA ARG A 445 -17.51 12.31 12.99
C ARG A 445 -17.28 13.51 13.94
N VAL A 446 -17.65 13.37 15.22
CA VAL A 446 -17.66 14.47 16.22
C VAL A 446 -16.20 14.87 16.52
N MET A 447 -15.38 13.89 16.90
CA MET A 447 -13.94 14.11 17.21
C MET A 447 -13.24 14.72 15.99
N ILE A 448 -13.42 14.15 14.79
CA ILE A 448 -12.87 14.72 13.53
C ILE A 448 -13.21 16.20 13.50
N HIS A 449 -14.51 16.53 13.58
CA HIS A 449 -15.04 17.92 13.51
C HIS A 449 -14.38 18.76 14.60
N VAL A 450 -14.26 18.24 15.83
CA VAL A 450 -13.67 19.02 16.96
C VAL A 450 -12.15 19.14 16.73
N PHE A 451 -11.53 18.17 16.05
CA PHE A 451 -10.07 18.14 15.76
C PHE A 451 -9.83 18.79 14.38
N SER A 452 -10.89 19.08 13.64
CA SER A 452 -10.85 19.67 12.27
C SER A 452 -10.58 21.19 12.33
N ASP A 453 -10.95 21.83 13.44
CA ASP A 453 -10.75 23.29 13.69
C ASP A 453 -9.67 23.46 14.76
N GLY A 454 -9.34 24.71 15.08
CA GLY A 454 -8.35 25.04 16.13
C GLY A 454 -6.93 24.71 15.70
N VAL A 455 -6.01 24.74 16.68
CA VAL A 455 -4.54 24.67 16.49
C VAL A 455 -4.12 23.20 16.67
N THR A 456 -3.10 22.75 15.92
CA THR A 456 -2.50 21.42 16.12
C THR A 456 -1.33 21.52 17.11
N ASN A 457 -1.50 20.95 18.29
CA ASN A 457 -0.44 20.87 19.33
C ASN A 457 -0.69 19.61 20.17
N TRP A 458 0.29 19.23 20.99
CA TRP A 458 0.25 18.03 21.85
C TRP A 458 -0.81 18.18 22.96
N GLY A 459 -1.05 19.40 23.44
CA GLY A 459 -2.03 19.69 24.52
C GLY A 459 -3.43 19.28 24.07
N ARG A 460 -3.72 19.54 22.80
CA ARG A 460 -5.05 19.27 22.23
C ARG A 460 -5.16 17.77 22.01
N ILE A 461 -4.05 17.13 21.64
CA ILE A 461 -4.01 15.64 21.45
C ILE A 461 -4.27 14.98 22.82
N VAL A 462 -3.67 15.49 23.88
CA VAL A 462 -3.87 14.98 25.25
C VAL A 462 -5.32 15.19 25.64
N THR A 463 -5.91 16.31 25.27
CA THR A 463 -7.33 16.58 25.64
C THR A 463 -8.22 15.53 24.97
N LEU A 464 -8.01 15.25 23.69
CA LEU A 464 -8.78 14.25 22.90
C LEU A 464 -8.68 12.87 23.54
N ILE A 465 -7.45 12.43 23.81
CA ILE A 465 -7.19 11.10 24.41
C ILE A 465 -7.79 11.06 25.81
N SER A 466 -7.69 12.14 26.59
CA SER A 466 -8.25 12.27 27.95
C SER A 466 -9.78 12.11 27.92
N PHE A 467 -10.48 12.69 26.94
CA PHE A 467 -11.93 12.48 26.74
C PHE A 467 -12.21 11.01 26.38
N GLY A 468 -11.34 10.43 25.56
CA GLY A 468 -11.40 8.99 25.23
C GLY A 468 -11.40 8.14 26.47
N ALA A 469 -10.49 8.42 27.39
CA ALA A 469 -10.34 7.65 28.65
C ALA A 469 -11.58 7.86 29.54
N PHE A 470 -12.11 9.08 29.53
CA PHE A 470 -13.32 9.47 30.28
C PHE A 470 -14.46 8.58 29.79
N VAL A 471 -14.55 8.43 28.48
CA VAL A 471 -15.61 7.62 27.83
C VAL A 471 -15.39 6.15 28.14
N ALA A 472 -14.13 5.70 28.11
CA ALA A 472 -13.74 4.31 28.42
C ALA A 472 -14.16 3.98 29.85
N LYS A 473 -14.01 4.92 30.77
CA LYS A 473 -14.42 4.70 32.18
C LYS A 473 -15.94 4.48 32.20
N HIS A 474 -16.68 5.36 31.55
CA HIS A 474 -18.15 5.24 31.48
C HIS A 474 -18.52 3.89 30.84
N LEU A 475 -17.92 3.56 29.70
CA LEU A 475 -18.19 2.26 29.01
C LEU A 475 -18.04 1.10 30.01
N LYS A 476 -16.98 1.11 30.81
CA LYS A 476 -16.69 0.01 31.75
C LYS A 476 -17.83 -0.05 32.79
N THR A 477 -18.28 1.11 33.27
CA THR A 477 -19.28 1.22 34.36
C THR A 477 -20.59 0.55 33.93
N ILE A 478 -20.99 0.71 32.67
CA ILE A 478 -22.25 0.14 32.10
C ILE A 478 -21.96 -1.19 31.37
N ASN A 479 -20.92 -1.92 31.77
CA ASN A 479 -20.65 -3.29 31.27
C ASN A 479 -20.56 -3.26 29.73
N GLN A 480 -19.87 -2.27 29.16
CA GLN A 480 -19.61 -2.22 27.70
C GLN A 480 -18.10 -2.17 27.51
N GLU A 481 -17.37 -2.96 28.31
CA GLU A 481 -15.91 -2.95 28.31
C GLU A 481 -15.44 -3.28 26.88
N SER A 482 -16.12 -4.18 26.17
CA SER A 482 -15.86 -4.61 24.76
C SER A 482 -15.78 -3.42 23.78
N CYS A 483 -16.34 -2.25 24.10
CA CYS A 483 -16.35 -1.07 23.22
C CYS A 483 -15.08 -0.21 23.41
N ILE A 484 -14.18 -0.55 24.35
CA ILE A 484 -13.00 0.32 24.64
C ILE A 484 -12.01 0.23 23.47
N GLU A 485 -11.71 -0.97 22.98
CA GLU A 485 -10.72 -1.16 21.88
C GLU A 485 -11.23 -0.46 20.62
N PRO A 486 -12.48 -0.68 20.17
CA PRO A 486 -13.03 0.09 19.06
C PRO A 486 -12.98 1.62 19.24
N LEU A 487 -13.26 2.13 20.43
CA LEU A 487 -13.12 3.58 20.72
C LEU A 487 -11.66 4.02 20.49
N ALA A 488 -10.72 3.18 20.93
CA ALA A 488 -9.27 3.47 20.93
C ALA A 488 -8.84 3.49 19.46
N GLU A 489 -9.37 2.55 18.65
CA GLU A 489 -9.11 2.51 17.19
C GLU A 489 -9.60 3.79 16.54
N SER A 490 -10.79 4.27 16.91
CA SER A 490 -11.42 5.47 16.28
C SER A 490 -10.62 6.73 16.64
N ILE A 491 -10.26 6.90 17.90
CA ILE A 491 -9.41 8.04 18.33
C ILE A 491 -8.09 8.00 17.54
N THR A 492 -7.50 6.81 17.41
CA THR A 492 -6.22 6.61 16.71
C THR A 492 -6.43 6.99 15.26
N ASP A 493 -7.53 6.49 14.67
CA ASP A 493 -7.83 6.75 13.25
C ASP A 493 -7.93 8.26 13.04
N VAL A 494 -8.76 8.95 13.83
CA VAL A 494 -8.94 10.43 13.78
C VAL A 494 -7.56 11.11 13.82
N LEU A 495 -6.81 10.80 14.88
CA LEU A 495 -5.48 11.40 15.16
C LEU A 495 -4.56 11.16 13.96
N VAL A 496 -4.35 9.91 13.56
CA VAL A 496 -3.30 9.57 12.55
C VAL A 496 -3.75 10.09 11.17
N ARG A 497 -4.98 9.77 10.75
CA ARG A 497 -5.47 10.09 9.38
C ARG A 497 -5.40 11.61 9.17
N THR A 498 -5.68 12.43 10.19
CA THR A 498 -5.77 13.90 9.99
C THR A 498 -4.47 14.61 10.36
N LYS A 499 -3.58 14.04 11.18
CA LYS A 499 -2.36 14.77 11.63
C LYS A 499 -1.08 14.01 11.27
N ARG A 500 -1.12 13.06 10.34
CA ARG A 500 0.07 12.23 10.02
C ARG A 500 1.30 13.13 9.82
N ASP A 501 1.23 14.10 8.89
CA ASP A 501 2.41 14.92 8.47
C ASP A 501 2.93 15.71 9.68
N TRP A 502 2.07 16.33 10.46
CA TRP A 502 2.50 17.03 11.71
C TRP A 502 3.26 16.04 12.61
N LEU A 503 2.70 14.84 12.82
CA LEU A 503 3.25 13.86 13.79
C LEU A 503 4.62 13.38 13.33
N VAL A 504 4.79 13.13 12.03
CA VAL A 504 6.13 12.72 11.50
C VAL A 504 7.12 13.88 11.74
N LYS A 505 6.68 15.13 11.52
CA LYS A 505 7.51 16.36 11.75
C LYS A 505 7.97 16.43 13.21
N GLN A 506 7.17 15.96 14.17
CA GLN A 506 7.48 16.12 15.62
C GLN A 506 8.27 14.92 16.11
N ARG A 507 8.68 14.03 15.20
CA ARG A 507 9.35 12.73 15.49
C ARG A 507 8.36 11.81 16.23
N GLY A 508 7.08 11.90 15.85
CA GLY A 508 5.97 11.12 16.44
C GLY A 508 5.98 11.20 17.96
N TRP A 509 5.94 10.06 18.64
CA TRP A 509 5.72 10.04 20.11
C TRP A 509 7.00 10.39 20.86
N ASP A 510 8.18 10.40 20.21
CA ASP A 510 9.44 10.89 20.83
C ASP A 510 9.31 12.40 21.05
N GLY A 511 8.77 13.12 20.05
CA GLY A 511 8.35 14.51 20.12
C GLY A 511 7.48 14.80 21.33
N PHE A 512 6.44 13.97 21.54
CA PHE A 512 5.48 14.10 22.66
C PHE A 512 6.23 14.03 24.00
N VAL A 513 7.05 13.01 24.18
CA VAL A 513 7.89 12.79 25.39
C VAL A 513 8.81 14.00 25.59
N GLU A 514 9.44 14.49 24.51
CA GLU A 514 10.39 15.64 24.55
C GLU A 514 9.64 16.91 25.01
N PHE A 515 8.51 17.19 24.38
CA PHE A 515 7.77 18.46 24.56
C PHE A 515 7.36 18.64 26.04
N PHE A 516 6.95 17.58 26.72
CA PHE A 516 6.51 17.62 28.14
C PHE A 516 7.55 17.08 29.12
N HIS A 517 8.79 16.77 28.70
CA HIS A 517 9.85 16.37 29.65
C HIS A 517 9.96 17.46 30.75
N VAL A 518 10.18 17.05 32.00
CA VAL A 518 10.22 17.93 33.22
C VAL A 518 11.60 18.60 33.31
C1 GLC B . 2.14 -0.97 -11.37
C2 GLC B . 1.65 -2.09 -10.39
C3 GLC B . 1.25 -1.62 -9.00
C4 GLC B . 2.26 -0.60 -8.52
C5 GLC B . 2.46 0.54 -9.50
C6 GLC B . 3.62 1.38 -8.99
O1 GLC B . 1.01 -0.39 -11.88
O2 GLC B . 0.48 -2.73 -10.89
O3 GLC B . 1.21 -2.79 -8.13
O4 GLC B . 1.80 -0.13 -7.28
O5 GLC B . 2.89 0.11 -10.83
O6 GLC B . 3.60 2.68 -9.56
C1 GLC B . 2.48 -0.74 -6.18
C2 GLC B . 1.41 -0.98 -5.13
C3 GLC B . 0.77 0.34 -4.80
C4 GLC B . 1.83 1.28 -4.24
C5 GLC B . 3.01 1.36 -5.25
C6 GLC B . 4.15 2.16 -4.61
O2 GLC B . 0.49 -1.92 -5.66
O3 GLC B . -0.20 0.13 -3.81
O4 GLC B . 1.19 2.54 -4.03
O5 GLC B . 3.51 0.06 -5.61
O6 GLC B . 4.93 2.77 -5.64
C5 JLE C . -12.16 17.99 22.50
C6 JLE C . -11.65 17.05 21.62
C4 JLE C . -11.35 19.08 22.81
C2 JLE C . -9.70 18.20 21.43
C8 JLE C . -13.88 16.47 22.33
N3 JLE C . -10.45 17.16 21.09
C25 JLE C . -12.83 22.36 28.11
C24 JLE C . -13.88 22.12 27.24
C23 JLE C . -13.64 22.16 25.88
C22 JLE C . -12.36 22.44 25.41
C21 JLE C . -12.12 22.48 23.93
C9 JLE C . -13.46 17.66 22.87
N1 JLE C . -10.14 19.14 22.28
C11 JLE C . -15.88 19.44 25.81
C12 JLE C . -15.22 18.24 26.06
C13 JLE C . -14.45 17.70 25.05
C14 JLE C . -15.74 20.08 24.60
C10 JLE C . -14.31 18.35 23.83
C15 JLE C . -14.95 19.54 23.59
C20 JLE C . -11.06 21.44 23.61
C17 JLE C . -15.85 21.43 22.91
C16 JLE C . -15.01 20.38 22.51
C26 JLE C . -11.55 22.65 27.63
C27 JLE C . -11.29 22.68 26.27
C28 JLE C . -10.53 21.84 22.24
O30 JLE C . -11.20 21.63 21.21
O29 JLE C . -9.42 22.36 22.17
N19 JLE C . -11.72 20.11 23.68
S7 JLE C . -12.69 15.77 21.30
C31 JLE C . -15.23 15.90 22.61
C32 JLE C . -15.64 15.01 21.43
N18 JLE C . -16.27 21.22 24.15
NA NA D . -0.26 5.98 -9.86
#